data_1NAI
#
_entry.id   1NAI
#
_cell.length_a   83.500
_cell.length_b   83.500
_cell.length_c   108.200
_cell.angle_alpha   90.00
_cell.angle_beta   90.00
_cell.angle_gamma   120.00
#
_symmetry.space_group_name_H-M   'P 32 2 1'
#
loop_
_entity.id
_entity.type
_entity.pdbx_description
1 polymer 'UDP-GALACTOSE 4-EPIMERASE'
2 non-polymer 'SODIUM ION'
3 non-polymer NICOTINAMIDE-ADENINE-DINUCLEOTIDE
4 non-polymer "URIDINE-5'-DIPHOSPHATE"
5 non-polymer 1,3-PROPANDIOL
6 non-polymer DI(HYDROXYETHYL)ETHER
7 water water
#
_entity_poly.entity_id   1
_entity_poly.type   'polypeptide(L)'
_entity_poly.pdbx_seq_one_letter_code
;MRVLVTGGSGYIGSHTCVQLLQNGHDVIILDNLCNSKRSVLPVIERLGGKHPTFVEGDIRNEALMTEILHDHAIDTVIHF
AGLKAVGESVQKPLEYYDNNVNGTLRLISAMRAANVKNFIFSSSATVYGDNPKIPYVESFPTGTPQSPYGKSKLMVEQIL
TDLQKAQPDWSIALLRYFNPVGAHPSGDMGEDPQGIPNNLMPYIAQVAVGRRDSLAIFGNDYPTEDGTGVRDYIHVMDLA
DGHVVAMEKLANKPGVHIYNLGAGVGNSVLDVVNAFSKACGKPVNYHFAPRREGDLPAYWADASKADRELNWRVTRTLDE
MAQDTWHWQSRHPQGYPD
;
_entity_poly.pdbx_strand_id   A
#
# COMPACT_ATOMS: atom_id res chain seq x y z
N MET A 1 20.79 1.90 6.84
CA MET A 1 20.70 0.49 7.19
C MET A 1 20.49 -0.43 5.99
N ARG A 2 20.61 -1.74 6.25
CA ARG A 2 20.42 -2.75 5.22
C ARG A 2 18.99 -3.24 5.27
N VAL A 3 18.22 -2.93 4.24
CA VAL A 3 16.83 -3.31 4.27
C VAL A 3 16.38 -4.23 3.15
N LEU A 4 15.59 -5.23 3.56
CA LEU A 4 15.02 -6.13 2.61
C LEU A 4 13.61 -5.62 2.34
N VAL A 5 13.29 -5.37 1.06
CA VAL A 5 11.96 -4.91 0.71
C VAL A 5 11.22 -5.96 -0.09
N THR A 6 10.37 -6.72 0.58
CA THR A 6 9.57 -7.70 -0.13
C THR A 6 8.50 -6.96 -0.94
N GLY A 7 8.20 -7.44 -2.14
CA GLY A 7 7.20 -6.80 -2.98
C GLY A 7 7.70 -5.46 -3.48
N GLY A 8 9.00 -5.22 -3.30
CA GLY A 8 9.65 -3.97 -3.66
C GLY A 8 9.46 -3.51 -5.12
N SER A 9 9.09 -4.38 -6.04
CA SER A 9 8.96 -3.90 -7.41
C SER A 9 7.55 -3.47 -7.74
N GLY A 10 6.65 -3.58 -6.76
CA GLY A 10 5.26 -3.23 -7.01
C GLY A 10 5.04 -1.74 -6.87
N TYR A 11 3.77 -1.38 -6.93
CA TYR A 11 3.38 0.02 -6.82
C TYR A 11 4.02 0.77 -5.65
N ILE A 12 3.56 0.48 -4.43
CA ILE A 12 4.07 1.16 -3.24
C ILE A 12 5.50 0.85 -2.93
N GLY A 13 5.92 -0.37 -3.25
CA GLY A 13 7.28 -0.74 -2.92
C GLY A 13 8.30 0.00 -3.76
N SER A 14 8.01 0.11 -5.06
CA SER A 14 8.97 0.77 -5.93
C SER A 14 9.21 2.21 -5.44
N HIS A 15 8.10 2.89 -5.18
CA HIS A 15 8.17 4.24 -4.68
C HIS A 15 8.98 4.28 -3.39
N THR A 16 8.71 3.32 -2.52
CA THR A 16 9.41 3.25 -1.27
C THR A 16 10.90 3.01 -1.47
N CYS A 17 11.22 2.12 -2.38
CA CYS A 17 12.67 1.86 -2.63
C CYS A 17 13.45 3.11 -3.09
N VAL A 18 12.86 3.88 -4.00
CA VAL A 18 13.48 5.13 -4.45
C VAL A 18 13.79 6.03 -3.25
N GLN A 19 12.76 6.26 -2.39
CA GLN A 19 12.96 7.09 -1.19
C GLN A 19 14.01 6.51 -0.28
N LEU A 20 14.06 5.18 -0.23
CA LEU A 20 15.06 4.52 0.60
C LEU A 20 16.47 4.77 0.10
N LEU A 21 16.66 4.55 -1.21
CA LEU A 21 17.96 4.75 -1.84
C LEU A 21 18.44 6.19 -1.63
N GLN A 22 17.51 7.14 -1.81
CA GLN A 22 17.76 8.55 -1.65
C GLN A 22 18.22 8.88 -0.26
N ASN A 23 17.77 8.07 0.69
CA ASN A 23 18.17 8.26 2.08
C ASN A 23 19.48 7.55 2.34
N GLY A 24 20.02 6.98 1.26
CA GLY A 24 21.29 6.31 1.32
C GLY A 24 21.27 4.94 1.95
N HIS A 25 20.11 4.32 2.04
CA HIS A 25 20.12 3.00 2.62
C HIS A 25 20.47 1.96 1.57
N ASP A 26 20.92 0.82 2.06
CA ASP A 26 21.22 -0.32 1.22
C ASP A 26 19.94 -1.16 1.04
N VAL A 27 19.49 -1.25 -0.21
CA VAL A 27 18.26 -1.93 -0.55
C VAL A 27 18.36 -3.19 -1.38
N ILE A 28 17.75 -4.21 -0.79
CA ILE A 28 17.59 -5.52 -1.37
C ILE A 28 16.10 -5.73 -1.64
N ILE A 29 15.76 -5.89 -2.91
CA ILE A 29 14.37 -6.10 -3.29
C ILE A 29 14.13 -7.58 -3.52
N LEU A 30 13.05 -8.12 -2.93
CA LEU A 30 12.62 -9.52 -3.09
C LEU A 30 11.23 -9.51 -3.72
N ASP A 31 11.09 -9.97 -4.95
CA ASP A 31 9.80 -9.95 -5.58
C ASP A 31 9.61 -11.14 -6.48
N ASN A 32 8.38 -11.63 -6.60
CA ASN A 32 8.10 -12.79 -7.42
C ASN A 32 7.54 -12.44 -8.77
N LEU A 33 7.48 -11.14 -9.04
CA LEU A 33 6.98 -10.65 -10.31
C LEU A 33 5.60 -11.08 -10.70
N CYS A 34 4.78 -11.47 -9.75
CA CYS A 34 3.45 -11.85 -10.13
C CYS A 34 2.59 -10.66 -10.46
N ASN A 35 2.98 -9.48 -9.95
CA ASN A 35 2.18 -8.31 -10.24
C ASN A 35 2.99 -7.09 -10.60
N SER A 36 4.23 -7.32 -11.04
CA SER A 36 5.15 -6.26 -11.44
C SER A 36 6.14 -6.77 -12.49
N LYS A 37 6.87 -5.86 -13.19
CA LYS A 37 7.83 -6.22 -14.24
C LYS A 37 9.25 -5.74 -13.98
N ARG A 38 10.22 -6.60 -14.32
CA ARG A 38 11.64 -6.32 -14.16
C ARG A 38 12.04 -4.94 -14.67
N SER A 39 11.31 -4.47 -15.69
CA SER A 39 11.56 -3.16 -16.28
C SER A 39 11.47 -2.00 -15.29
N VAL A 40 10.79 -2.17 -14.16
CA VAL A 40 10.74 -1.06 -13.25
C VAL A 40 12.08 -0.89 -12.54
N LEU A 41 12.82 -1.98 -12.45
CA LEU A 41 14.09 -1.95 -11.76
C LEU A 41 15.06 -0.81 -12.09
N PRO A 42 15.39 -0.66 -13.36
CA PRO A 42 16.30 0.37 -13.79
C PRO A 42 15.75 1.76 -13.46
N VAL A 43 14.42 1.87 -13.45
CA VAL A 43 13.80 3.13 -13.11
C VAL A 43 14.03 3.40 -11.64
N ILE A 44 13.92 2.34 -10.86
CA ILE A 44 14.16 2.54 -9.45
C ILE A 44 15.56 3.08 -9.22
N GLU A 45 16.52 2.44 -9.88
CA GLU A 45 17.89 2.86 -9.69
C GLU A 45 18.10 4.32 -10.07
N ARG A 46 17.61 4.66 -11.23
CA ARG A 46 17.76 6.00 -11.74
C ARG A 46 17.19 7.04 -10.81
N LEU A 47 15.94 6.86 -10.47
CA LEU A 47 15.28 7.77 -9.57
C LEU A 47 15.91 7.74 -8.20
N GLY A 48 16.28 6.57 -7.75
CA GLY A 48 16.87 6.49 -6.44
C GLY A 48 18.30 6.99 -6.39
N GLY A 49 18.98 6.95 -7.54
CA GLY A 49 20.37 7.39 -7.63
C GLY A 49 21.31 6.43 -6.94
N LYS A 50 20.88 5.17 -6.90
CA LYS A 50 21.65 4.13 -6.27
C LYS A 50 21.12 2.79 -6.69
N HIS A 51 21.98 1.79 -6.63
CA HIS A 51 21.60 0.49 -7.12
C HIS A 51 21.05 -0.40 -6.04
N PRO A 52 19.86 -0.91 -6.30
CA PRO A 52 19.27 -1.80 -5.34
C PRO A 52 19.49 -3.21 -5.85
N THR A 53 19.79 -4.11 -4.95
CA THR A 53 19.94 -5.46 -5.41
C THR A 53 18.55 -6.04 -5.61
N PHE A 54 18.36 -6.84 -6.65
CA PHE A 54 17.07 -7.50 -6.91
C PHE A 54 17.15 -9.03 -6.90
N VAL A 55 16.27 -9.66 -6.13
CA VAL A 55 16.22 -11.11 -6.07
C VAL A 55 14.84 -11.59 -6.47
N GLU A 56 14.76 -12.40 -7.51
CA GLU A 56 13.47 -12.92 -7.93
C GLU A 56 13.16 -14.12 -7.04
N GLY A 57 11.99 -14.12 -6.41
CA GLY A 57 11.66 -15.23 -5.51
C GLY A 57 10.37 -14.96 -4.77
N ASP A 58 9.98 -15.94 -3.96
CA ASP A 58 8.72 -15.89 -3.22
C ASP A 58 8.86 -15.93 -1.70
N ILE A 59 8.07 -15.08 -1.04
CA ILE A 59 8.08 -15.04 0.44
C ILE A 59 7.72 -16.40 1.05
N ARG A 60 6.92 -17.17 0.33
CA ARG A 60 6.54 -18.48 0.85
C ARG A 60 7.70 -19.44 0.95
N ASN A 61 8.82 -19.13 0.28
CA ASN A 61 10.02 -19.98 0.32
C ASN A 61 10.91 -19.61 1.46
N GLU A 62 10.64 -20.20 2.63
CA GLU A 62 11.36 -19.90 3.86
C GLU A 62 12.88 -20.03 3.77
N ALA A 63 13.33 -21.08 3.08
CA ALA A 63 14.75 -21.36 2.91
C ALA A 63 15.46 -20.19 2.28
N LEU A 64 14.90 -19.74 1.16
CA LEU A 64 15.46 -18.63 0.40
C LEU A 64 15.43 -17.38 1.21
N MET A 65 14.36 -17.21 1.98
CA MET A 65 14.27 -16.02 2.80
C MET A 65 15.43 -15.95 3.76
N THR A 66 15.67 -17.06 4.42
CA THR A 66 16.75 -17.11 5.39
C THR A 66 18.12 -16.86 4.77
N GLU A 67 18.30 -17.38 3.56
CA GLU A 67 19.55 -17.25 2.86
C GLU A 67 19.81 -15.79 2.61
N ILE A 68 18.80 -15.18 2.02
CA ILE A 68 18.84 -13.76 1.66
C ILE A 68 19.16 -12.91 2.88
N LEU A 69 18.46 -13.20 3.96
CA LEU A 69 18.61 -12.45 5.18
C LEU A 69 20.01 -12.46 5.68
N HIS A 70 20.60 -13.65 5.62
CA HIS A 70 21.96 -13.87 6.07
C HIS A 70 22.96 -13.29 5.08
N ASP A 71 22.76 -13.64 3.83
CA ASP A 71 23.66 -13.17 2.81
C ASP A 71 23.85 -11.68 2.86
N HIS A 72 22.78 -10.95 3.09
CA HIS A 72 22.90 -9.51 3.06
C HIS A 72 22.97 -8.82 4.37
N ALA A 73 23.12 -9.58 5.44
CA ALA A 73 23.22 -8.92 6.72
C ALA A 73 22.07 -7.92 6.92
N ILE A 74 20.85 -8.35 6.63
CA ILE A 74 19.67 -7.50 6.76
C ILE A 74 19.43 -7.04 8.20
N ASP A 75 19.11 -5.76 8.32
CA ASP A 75 18.83 -5.17 9.62
C ASP A 75 17.34 -4.99 9.85
N THR A 76 16.64 -4.71 8.76
CA THR A 76 15.22 -4.46 8.80
C THR A 76 14.52 -4.94 7.52
N VAL A 77 13.24 -5.29 7.66
CA VAL A 77 12.44 -5.78 6.56
C VAL A 77 11.14 -5.00 6.46
N ILE A 78 10.89 -4.44 5.27
CA ILE A 78 9.65 -3.73 4.94
C ILE A 78 8.90 -4.68 4.05
N HIS A 79 7.74 -5.11 4.51
CA HIS A 79 7.00 -6.13 3.80
C HIS A 79 5.76 -5.72 3.04
N PHE A 80 5.92 -5.58 1.73
CA PHE A 80 4.80 -5.24 0.88
C PHE A 80 4.29 -6.40 0.05
N ALA A 81 5.05 -7.50 -0.04
CA ALA A 81 4.65 -8.65 -0.84
C ALA A 81 3.36 -9.26 -0.37
N GLY A 82 2.44 -9.48 -1.32
CA GLY A 82 1.14 -10.12 -1.07
C GLY A 82 0.15 -9.83 -2.18
N LEU A 83 -1.08 -10.38 -2.01
CA LEU A 83 -2.17 -10.15 -2.96
C LEU A 83 -3.14 -9.17 -2.33
N LYS A 84 -3.72 -8.26 -3.14
CA LYS A 84 -4.57 -7.22 -2.59
C LYS A 84 -5.85 -6.88 -3.33
N ALA A 85 -6.31 -7.77 -4.25
CA ALA A 85 -7.54 -7.53 -4.97
C ALA A 85 -8.73 -8.09 -4.19
N VAL A 86 -9.49 -7.18 -3.59
CA VAL A 86 -10.60 -7.59 -2.74
C VAL A 86 -11.61 -8.50 -3.41
N GLY A 87 -12.05 -8.15 -4.59
CA GLY A 87 -13.00 -9.01 -5.26
C GLY A 87 -12.40 -10.37 -5.57
N GLU A 88 -11.15 -10.39 -6.02
CA GLU A 88 -10.51 -11.66 -6.33
C GLU A 88 -10.39 -12.52 -5.06
N SER A 89 -10.17 -11.81 -3.94
CA SER A 89 -10.05 -12.48 -2.64
C SER A 89 -11.32 -13.31 -2.30
N VAL A 90 -12.48 -12.80 -2.67
CA VAL A 90 -13.72 -13.50 -2.42
C VAL A 90 -13.84 -14.75 -3.30
N GLN A 91 -13.33 -14.65 -4.53
CA GLN A 91 -13.37 -15.75 -5.47
C GLN A 91 -12.27 -16.78 -5.24
N LYS A 92 -11.12 -16.32 -4.76
CA LYS A 92 -9.97 -17.22 -4.55
C LYS A 92 -9.33 -17.05 -3.19
N PRO A 93 -10.13 -17.35 -2.16
CA PRO A 93 -9.71 -17.20 -0.79
C PRO A 93 -8.40 -17.89 -0.44
N LEU A 94 -8.25 -19.13 -0.84
CA LEU A 94 -7.06 -19.86 -0.46
C LEU A 94 -5.76 -19.15 -0.84
N GLU A 95 -5.74 -18.64 -2.08
CA GLU A 95 -4.57 -17.95 -2.63
C GLU A 95 -4.19 -16.77 -1.82
N TYR A 96 -5.23 -16.07 -1.31
CA TYR A 96 -5.00 -14.92 -0.46
C TYR A 96 -4.47 -15.34 0.91
N TYR A 97 -5.07 -16.35 1.50
CA TYR A 97 -4.54 -16.77 2.77
C TYR A 97 -3.13 -17.31 2.64
N ASP A 98 -2.86 -18.03 1.57
CA ASP A 98 -1.52 -18.58 1.43
C ASP A 98 -0.46 -17.50 1.26
N ASN A 99 -0.69 -16.63 0.28
CA ASN A 99 0.28 -15.58 0.01
C ASN A 99 0.45 -14.58 1.15
N ASN A 100 -0.68 -14.22 1.76
CA ASN A 100 -0.66 -13.24 2.82
C ASN A 100 -0.37 -13.83 4.20
N VAL A 101 -1.17 -14.81 4.62
CA VAL A 101 -0.98 -15.37 5.93
C VAL A 101 0.24 -16.27 5.95
N ASN A 102 0.19 -17.38 5.20
CA ASN A 102 1.35 -18.26 5.17
C ASN A 102 2.59 -17.49 4.70
N GLY A 103 2.42 -16.67 3.65
CA GLY A 103 3.53 -15.86 3.08
C GLY A 103 4.27 -15.04 4.15
N THR A 104 3.55 -14.38 5.04
CA THR A 104 4.23 -13.62 6.07
C THR A 104 4.86 -14.50 7.16
N LEU A 105 4.18 -15.60 7.45
CA LEU A 105 4.64 -16.51 8.48
C LEU A 105 5.97 -17.12 8.07
N ARG A 106 6.05 -17.49 6.80
CA ARG A 106 7.30 -18.09 6.30
C ARG A 106 8.41 -17.04 6.39
N LEU A 107 8.06 -15.79 6.06
CA LEU A 107 9.01 -14.69 6.12
C LEU A 107 9.46 -14.43 7.54
N ILE A 108 8.55 -14.30 8.49
CA ILE A 108 9.00 -14.01 9.84
C ILE A 108 9.72 -15.17 10.48
N SER A 109 9.41 -16.37 10.01
CA SER A 109 10.07 -17.57 10.52
C SER A 109 11.53 -17.54 10.16
N ALA A 110 11.78 -17.18 8.91
CA ALA A 110 13.15 -17.07 8.40
C ALA A 110 13.90 -15.99 9.18
N MET A 111 13.23 -14.86 9.44
CA MET A 111 13.86 -13.77 10.19
C MET A 111 14.32 -14.29 11.53
N ARG A 112 13.46 -15.11 12.09
CA ARG A 112 13.74 -15.74 13.35
C ARG A 112 15.02 -16.55 13.27
N ALA A 113 15.14 -17.35 12.23
CA ALA A 113 16.33 -18.17 12.08
C ALA A 113 17.58 -17.35 11.78
N ALA A 114 17.39 -16.16 11.19
CA ALA A 114 18.51 -15.33 10.81
C ALA A 114 18.81 -14.22 11.78
N ASN A 115 18.06 -14.23 12.87
CA ASN A 115 18.25 -13.25 13.91
C ASN A 115 18.03 -11.81 13.49
N VAL A 116 17.01 -11.61 12.66
CA VAL A 116 16.63 -10.28 12.21
C VAL A 116 15.39 -9.93 13.02
N LYS A 117 15.40 -8.82 13.75
CA LYS A 117 14.27 -8.49 14.64
C LYS A 117 13.58 -7.14 14.44
N ASN A 118 13.75 -6.54 13.27
CA ASN A 118 13.09 -5.27 12.97
C ASN A 118 12.17 -5.49 11.79
N PHE A 119 10.87 -5.25 11.94
CA PHE A 119 9.90 -5.47 10.88
C PHE A 119 8.83 -4.36 10.74
N ILE A 120 8.57 -3.99 9.47
CA ILE A 120 7.59 -2.98 9.07
C ILE A 120 6.58 -3.66 8.15
N PHE A 121 5.33 -3.81 8.64
CA PHE A 121 4.30 -4.49 7.88
C PHE A 121 3.32 -3.59 7.14
N SER A 122 3.13 -3.83 5.85
CA SER A 122 2.17 -3.06 5.09
C SER A 122 0.81 -3.54 5.45
N SER A 123 0.20 -2.87 6.42
CA SER A 123 -1.11 -3.27 6.85
C SER A 123 -2.24 -2.63 6.03
N SER A 124 -3.45 -2.65 6.54
CA SER A 124 -4.60 -2.09 5.84
C SER A 124 -5.66 -1.62 6.82
N ALA A 125 -6.30 -0.52 6.49
CA ALA A 125 -7.32 0.01 7.34
C ALA A 125 -8.62 -0.81 7.28
N THR A 126 -8.66 -1.83 6.43
CA THR A 126 -9.83 -2.72 6.40
C THR A 126 -9.93 -3.49 7.75
N VAL A 127 -8.83 -3.57 8.50
CA VAL A 127 -8.82 -4.25 9.81
C VAL A 127 -9.79 -3.64 10.80
N TYR A 128 -10.12 -2.38 10.63
CA TYR A 128 -11.08 -1.78 11.55
C TYR A 128 -12.47 -2.38 11.40
N GLY A 129 -12.72 -3.06 10.28
CA GLY A 129 -14.02 -3.67 10.08
C GLY A 129 -15.19 -2.68 10.08
N ASP A 130 -16.34 -3.12 10.56
CA ASP A 130 -17.48 -2.21 10.54
C ASP A 130 -17.46 -1.20 11.66
N ASN A 131 -16.81 -0.04 11.42
CA ASN A 131 -16.79 0.95 12.50
C ASN A 131 -17.57 2.20 12.20
N PRO A 132 -18.63 2.41 12.99
CA PRO A 132 -19.45 3.59 12.81
C PRO A 132 -18.80 4.82 13.44
N LYS A 133 -17.70 4.55 14.17
CA LYS A 133 -16.87 5.57 14.78
C LYS A 133 -15.73 5.93 13.84
N ILE A 134 -15.89 7.02 13.09
CA ILE A 134 -14.93 7.52 12.18
C ILE A 134 -14.57 8.90 12.66
N PRO A 135 -13.35 9.31 12.43
CA PRO A 135 -12.37 8.52 11.72
C PRO A 135 -11.80 7.46 12.64
N TYR A 136 -11.10 6.48 12.06
CA TYR A 136 -10.52 5.41 12.86
C TYR A 136 -9.25 5.83 13.53
N VAL A 137 -9.17 5.43 14.80
CA VAL A 137 -8.05 5.69 15.65
C VAL A 137 -7.42 4.37 16.08
N GLU A 138 -6.09 4.33 16.20
CA GLU A 138 -5.30 3.14 16.54
C GLU A 138 -5.71 2.52 17.89
N SER A 139 -6.28 3.35 18.76
CA SER A 139 -6.73 2.89 20.09
C SER A 139 -8.08 2.14 19.99
N PHE A 140 -8.72 2.21 18.82
CA PHE A 140 -9.98 1.53 18.59
C PHE A 140 -9.68 0.04 18.40
N PRO A 141 -10.47 -0.83 18.99
CA PRO A 141 -10.22 -2.25 18.78
C PRO A 141 -10.59 -2.56 17.34
N THR A 142 -9.97 -3.56 16.77
CA THR A 142 -10.29 -3.93 15.42
C THR A 142 -11.69 -4.55 15.34
N GLY A 143 -12.21 -4.72 14.14
CA GLY A 143 -13.52 -5.28 13.99
C GLY A 143 -13.33 -6.53 13.17
N THR A 144 -14.36 -6.94 12.48
CA THR A 144 -14.29 -8.07 11.64
C THR A 144 -14.30 -7.68 10.17
N PRO A 145 -13.17 -7.82 9.49
CA PRO A 145 -13.08 -7.50 8.08
C PRO A 145 -14.08 -8.28 7.21
N GLN A 146 -14.60 -7.56 6.25
CA GLN A 146 -15.57 -8.03 5.29
C GLN A 146 -15.09 -9.12 4.31
N SER A 147 -13.90 -8.98 3.73
CA SER A 147 -13.46 -9.94 2.73
C SER A 147 -12.30 -10.80 3.19
N PRO A 148 -11.97 -11.84 2.40
CA PRO A 148 -10.83 -12.71 2.75
C PRO A 148 -9.56 -11.87 2.74
N TYR A 149 -9.56 -10.86 1.87
CA TYR A 149 -8.42 -9.96 1.84
C TYR A 149 -8.25 -9.24 3.19
N GLY A 150 -9.33 -8.61 3.65
CA GLY A 150 -9.25 -7.89 4.89
C GLY A 150 -8.90 -8.79 6.05
N LYS A 151 -9.53 -9.95 6.06
CA LYS A 151 -9.31 -10.91 7.14
C LYS A 151 -7.86 -11.35 7.21
N SER A 152 -7.28 -11.62 6.04
CA SER A 152 -5.87 -12.06 6.03
C SER A 152 -4.94 -11.00 6.61
N LYS A 153 -5.26 -9.70 6.38
CA LYS A 153 -4.43 -8.60 6.92
C LYS A 153 -4.50 -8.57 8.45
N LEU A 154 -5.73 -8.70 9.00
CA LEU A 154 -5.88 -8.70 10.46
C LEU A 154 -5.20 -9.95 11.06
N MET A 155 -5.34 -11.08 10.36
CA MET A 155 -4.72 -12.30 10.80
C MET A 155 -3.23 -12.10 10.96
N VAL A 156 -2.63 -11.49 9.93
CA VAL A 156 -1.20 -11.21 9.99
C VAL A 156 -0.85 -10.30 11.16
N GLU A 157 -1.66 -9.27 11.36
CA GLU A 157 -1.42 -8.35 12.46
C GLU A 157 -1.43 -9.12 13.77
N GLN A 158 -2.44 -9.97 13.91
CA GLN A 158 -2.55 -10.75 15.13
C GLN A 158 -1.33 -11.63 15.36
N ILE A 159 -0.89 -12.32 14.28
CA ILE A 159 0.26 -13.19 14.38
C ILE A 159 1.52 -12.41 14.78
N LEU A 160 1.80 -11.31 14.09
CA LEU A 160 2.96 -10.51 14.46
C LEU A 160 2.89 -10.04 15.93
N THR A 161 1.67 -9.74 16.36
CA THR A 161 1.45 -9.26 17.72
C THR A 161 1.82 -10.31 18.77
N ASP A 162 1.39 -11.52 18.55
CA ASP A 162 1.70 -12.60 19.48
C ASP A 162 3.21 -12.90 19.45
N LEU A 163 3.78 -12.78 18.24
CA LEU A 163 5.18 -13.00 18.07
C LEU A 163 5.99 -12.05 18.90
N GLN A 164 5.66 -10.77 18.80
CA GLN A 164 6.39 -9.75 19.52
C GLN A 164 6.32 -10.01 21.03
N LYS A 165 5.17 -10.48 21.47
CA LYS A 165 4.94 -10.83 22.86
C LYS A 165 5.87 -11.98 23.31
N ALA A 166 6.05 -12.97 22.45
CA ALA A 166 6.91 -14.09 22.77
C ALA A 166 8.39 -13.80 22.60
N GLN A 167 8.72 -12.83 21.76
CA GLN A 167 10.08 -12.42 21.46
C GLN A 167 10.16 -10.91 21.55
N PRO A 168 10.03 -10.42 22.78
CA PRO A 168 9.99 -9.03 23.11
C PRO A 168 11.08 -8.11 22.60
N ASP A 169 12.11 -8.67 22.01
CA ASP A 169 13.15 -7.80 21.49
C ASP A 169 12.79 -7.29 20.12
N TRP A 170 11.74 -7.88 19.54
CA TRP A 170 11.33 -7.49 18.21
C TRP A 170 10.68 -6.13 18.16
N SER A 171 10.95 -5.40 17.06
CA SER A 171 10.34 -4.10 16.81
C SER A 171 9.46 -4.30 15.58
N ILE A 172 8.15 -4.12 15.73
CA ILE A 172 7.23 -4.33 14.63
C ILE A 172 6.25 -3.19 14.41
N ALA A 173 6.27 -2.66 13.19
CA ALA A 173 5.31 -1.61 12.86
C ALA A 173 4.18 -2.19 12.04
N LEU A 174 2.97 -1.76 12.40
CA LEU A 174 1.80 -2.16 11.63
C LEU A 174 1.30 -0.87 11.05
N LEU A 175 1.55 -0.70 9.77
CA LEU A 175 1.18 0.53 9.06
C LEU A 175 -0.15 0.38 8.36
N ARG A 176 -1.21 0.97 8.93
CA ARG A 176 -2.56 0.89 8.37
C ARG A 176 -2.92 2.01 7.40
N TYR A 177 -3.22 1.66 6.15
CA TYR A 177 -3.55 2.72 5.24
C TYR A 177 -4.80 2.42 4.42
N PHE A 178 -5.37 3.45 3.79
CA PHE A 178 -6.57 3.20 2.98
C PHE A 178 -6.29 3.12 1.52
N ASN A 179 -6.49 4.24 0.81
CA ASN A 179 -6.31 4.26 -0.65
C ASN A 179 -5.16 5.09 -1.20
N PRO A 180 -4.05 4.41 -1.46
CA PRO A 180 -2.87 5.01 -2.07
C PRO A 180 -3.14 5.35 -3.56
N VAL A 181 -2.68 6.51 -3.99
CA VAL A 181 -2.83 6.97 -5.35
C VAL A 181 -1.69 7.92 -5.73
N GLY A 182 -1.62 8.24 -7.02
CA GLY A 182 -0.61 9.13 -7.50
C GLY A 182 0.58 8.37 -8.02
N ALA A 183 1.63 9.11 -8.30
CA ALA A 183 2.81 8.51 -8.85
C ALA A 183 3.98 9.43 -8.61
N HIS A 184 5.19 8.90 -8.78
CA HIS A 184 6.38 9.70 -8.61
C HIS A 184 6.27 10.91 -9.52
N PRO A 185 6.68 12.08 -9.00
CA PRO A 185 6.62 13.33 -9.76
C PRO A 185 7.29 13.27 -11.16
N SER A 186 8.26 12.39 -11.33
CA SER A 186 8.91 12.22 -12.60
C SER A 186 7.97 11.75 -13.70
N GLY A 187 6.86 11.15 -13.32
CA GLY A 187 5.92 10.66 -14.34
C GLY A 187 6.43 9.35 -14.96
N ASP A 188 7.56 8.87 -14.44
CA ASP A 188 8.25 7.66 -14.94
C ASP A 188 8.01 6.36 -14.14
N MET A 189 7.29 6.49 -13.05
CA MET A 189 6.89 5.38 -12.19
C MET A 189 5.44 5.65 -11.76
N GLY A 190 4.67 4.61 -11.54
CA GLY A 190 3.29 4.81 -11.13
C GLY A 190 2.59 3.47 -11.01
N GLU A 191 1.27 3.52 -10.83
CA GLU A 191 0.43 2.31 -10.68
C GLU A 191 0.19 1.69 -12.05
N ASP A 192 0.54 0.40 -12.20
CA ASP A 192 0.38 -0.26 -13.50
C ASP A 192 -0.46 -1.50 -13.44
N PRO A 193 -1.77 -1.30 -13.28
CA PRO A 193 -2.71 -2.39 -13.22
C PRO A 193 -2.79 -3.14 -14.53
N GLN A 194 -2.83 -4.45 -14.39
CA GLN A 194 -2.99 -5.36 -15.52
C GLN A 194 -4.42 -5.79 -15.53
N GLY A 195 -5.15 -5.24 -16.45
CA GLY A 195 -6.54 -5.62 -16.49
C GLY A 195 -7.39 -4.53 -15.87
N ILE A 196 -8.64 -4.88 -15.56
CA ILE A 196 -9.59 -3.95 -14.95
C ILE A 196 -9.04 -3.45 -13.64
N PRO A 197 -8.74 -2.13 -13.61
CA PRO A 197 -8.20 -1.58 -12.40
C PRO A 197 -9.17 -1.74 -11.23
N ASN A 198 -8.65 -2.08 -10.07
CA ASN A 198 -9.45 -2.28 -8.82
C ASN A 198 -9.93 -0.96 -8.22
N ASN A 199 -8.97 -0.09 -7.95
CA ASN A 199 -9.20 1.23 -7.39
C ASN A 199 -9.77 2.30 -8.35
N LEU A 200 -10.40 3.26 -7.73
CA LEU A 200 -11.04 4.41 -8.37
C LEU A 200 -10.16 5.22 -9.31
N MET A 201 -9.11 5.78 -8.76
CA MET A 201 -8.25 6.63 -9.50
C MET A 201 -7.82 6.07 -10.85
N PRO A 202 -7.19 4.88 -10.82
CA PRO A 202 -6.69 4.24 -12.04
C PRO A 202 -7.82 3.90 -12.99
N TYR A 203 -8.91 3.46 -12.41
CA TYR A 203 -10.03 3.13 -13.25
C TYR A 203 -10.41 4.39 -14.00
N ILE A 204 -10.61 5.45 -13.25
CA ILE A 204 -10.94 6.72 -13.82
C ILE A 204 -9.91 7.18 -14.84
N ALA A 205 -8.64 6.88 -14.57
CA ALA A 205 -7.60 7.28 -15.50
C ALA A 205 -7.76 6.57 -16.83
N GLN A 206 -8.27 5.34 -16.74
CA GLN A 206 -8.47 4.53 -17.93
C GLN A 206 -9.67 5.05 -18.71
N VAL A 207 -10.66 5.51 -17.98
CA VAL A 207 -11.81 6.07 -18.65
C VAL A 207 -11.34 7.29 -19.39
N ALA A 208 -10.52 8.09 -18.71
CA ALA A 208 -9.99 9.30 -19.29
C ALA A 208 -9.22 9.05 -20.57
N VAL A 209 -8.27 8.15 -20.49
CA VAL A 209 -7.41 7.81 -21.59
C VAL A 209 -8.12 7.23 -22.82
N GLY A 210 -9.35 6.80 -22.67
CA GLY A 210 -10.06 6.23 -23.78
C GLY A 210 -10.37 4.73 -23.61
N ARG A 211 -9.57 4.05 -22.79
CA ARG A 211 -9.72 2.62 -22.54
C ARG A 211 -11.08 2.18 -22.00
N ARG A 212 -11.69 3.04 -21.23
CA ARG A 212 -12.96 2.73 -20.61
C ARG A 212 -14.02 3.71 -21.02
N ASP A 213 -15.25 3.23 -21.01
CA ASP A 213 -16.34 4.06 -21.42
C ASP A 213 -16.78 5.07 -20.36
N SER A 214 -17.19 4.56 -19.21
CA SER A 214 -17.69 5.37 -18.13
C SER A 214 -17.47 4.72 -16.79
N LEU A 215 -17.27 5.56 -15.80
CA LEU A 215 -17.11 5.09 -14.47
C LEU A 215 -18.46 4.87 -13.84
N ALA A 216 -18.62 3.70 -13.24
CA ALA A 216 -19.85 3.38 -12.56
C ALA A 216 -19.67 3.84 -11.13
N ILE A 217 -20.58 4.67 -10.67
CA ILE A 217 -20.53 5.18 -9.33
C ILE A 217 -21.52 4.40 -8.51
N PHE A 218 -20.98 3.49 -7.74
CA PHE A 218 -21.80 2.62 -6.93
C PHE A 218 -22.53 3.25 -5.74
N GLY A 219 -23.72 3.79 -5.99
CA GLY A 219 -24.52 4.43 -4.94
C GLY A 219 -24.43 5.97 -4.94
N ASN A 220 -25.56 6.66 -5.01
CA ASN A 220 -25.56 8.13 -5.01
C ASN A 220 -26.52 8.58 -3.96
N ASP A 221 -26.86 7.56 -3.13
CA ASP A 221 -27.82 7.63 -2.04
C ASP A 221 -27.31 7.84 -0.62
N TYR A 222 -26.00 7.79 -0.43
CA TYR A 222 -25.42 7.89 0.90
C TYR A 222 -25.66 9.14 1.71
N PRO A 223 -25.53 8.94 3.00
CA PRO A 223 -25.71 9.98 3.97
C PRO A 223 -24.50 10.91 3.98
N THR A 224 -24.04 11.26 2.78
CA THR A 224 -22.90 12.13 2.62
C THR A 224 -23.26 13.46 1.98
N GLU A 225 -22.38 14.45 2.14
CA GLU A 225 -22.60 15.77 1.55
C GLU A 225 -23.07 15.71 0.09
N ASP A 226 -22.48 14.84 -0.73
CA ASP A 226 -22.89 14.75 -2.13
C ASP A 226 -23.61 13.47 -2.49
N GLY A 227 -23.77 12.57 -1.51
CA GLY A 227 -24.50 11.32 -1.78
C GLY A 227 -23.65 10.16 -2.22
N THR A 228 -22.40 10.42 -2.55
CA THR A 228 -21.49 9.36 -2.97
C THR A 228 -20.58 8.98 -1.78
N GLY A 229 -19.89 7.83 -1.92
CA GLY A 229 -18.99 7.30 -0.90
C GLY A 229 -17.75 8.17 -0.64
N VAL A 230 -17.48 8.39 0.65
CA VAL A 230 -16.34 9.15 1.12
C VAL A 230 -15.29 8.20 1.63
N ARG A 231 -14.08 8.35 1.11
CA ARG A 231 -12.93 7.53 1.48
C ARG A 231 -11.71 8.41 1.70
N ASP A 232 -10.60 7.80 2.22
CA ASP A 232 -9.34 8.50 2.45
C ASP A 232 -8.34 8.12 1.36
N TYR A 233 -7.81 9.13 0.70
CA TYR A 233 -6.86 8.90 -0.34
C TYR A 233 -5.54 9.46 0.10
N ILE A 234 -4.50 8.69 -0.06
CA ILE A 234 -3.17 9.12 0.32
C ILE A 234 -2.22 9.03 -0.87
N HIS A 235 -1.49 10.09 -1.13
CA HIS A 235 -0.51 10.07 -2.20
C HIS A 235 0.60 9.04 -1.93
N VAL A 236 0.83 8.21 -2.94
CA VAL A 236 1.87 7.19 -2.87
C VAL A 236 3.22 7.73 -2.39
N MET A 237 3.61 8.95 -2.80
CA MET A 237 4.90 9.47 -2.33
C MET A 237 4.94 9.69 -0.82
N ASP A 238 3.77 10.13 -0.27
CA ASP A 238 3.64 10.38 1.19
C ASP A 238 3.67 9.08 1.97
N LEU A 239 3.00 8.07 1.38
CA LEU A 239 2.95 6.74 1.95
C LEU A 239 4.39 6.20 2.03
N ALA A 240 5.10 6.27 0.89
CA ALA A 240 6.49 5.84 0.82
C ALA A 240 7.29 6.56 1.89
N ASP A 241 7.06 7.86 2.05
CA ASP A 241 7.79 8.60 3.07
C ASP A 241 7.52 8.06 4.48
N GLY A 242 6.25 7.82 4.77
CA GLY A 242 5.85 7.31 6.06
C GLY A 242 6.57 6.00 6.37
N HIS A 243 6.78 5.20 5.31
CA HIS A 243 7.45 3.92 5.42
C HIS A 243 8.90 4.07 5.80
N VAL A 244 9.58 5.03 5.17
CA VAL A 244 10.99 5.28 5.48
C VAL A 244 11.23 5.75 6.92
N VAL A 245 10.43 6.72 7.36
CA VAL A 245 10.46 7.30 8.70
C VAL A 245 10.24 6.25 9.75
N ALA A 246 9.15 5.49 9.57
CA ALA A 246 8.82 4.39 10.47
C ALA A 246 10.00 3.42 10.62
N MET A 247 10.61 3.07 9.49
CA MET A 247 11.77 2.19 9.45
C MET A 247 12.97 2.79 10.18
N GLU A 248 13.32 4.03 9.86
CA GLU A 248 14.43 4.66 10.56
C GLU A 248 14.14 4.93 12.02
N LYS A 249 12.98 5.49 12.34
CA LYS A 249 12.71 5.79 13.74
C LYS A 249 12.37 4.63 14.66
N LEU A 250 11.88 3.54 14.12
CA LEU A 250 11.50 2.47 15.02
C LEU A 250 12.48 1.31 15.14
N ALA A 251 13.48 1.29 14.26
CA ALA A 251 14.46 0.22 14.29
C ALA A 251 15.04 0.08 15.70
N ASN A 252 15.03 -1.14 16.24
CA ASN A 252 15.59 -1.41 17.56
C ASN A 252 14.84 -0.85 18.72
N LYS A 253 13.61 -0.38 18.48
CA LYS A 253 12.75 0.09 19.52
C LYS A 253 11.68 -0.98 19.70
N PRO A 254 11.85 -1.82 20.70
CA PRO A 254 10.93 -2.93 20.93
C PRO A 254 9.47 -2.57 21.13
N GLY A 255 8.60 -3.42 20.57
CA GLY A 255 7.17 -3.27 20.65
C GLY A 255 6.45 -3.37 19.30
N VAL A 256 5.13 -3.29 19.38
CA VAL A 256 4.24 -3.31 18.25
C VAL A 256 3.75 -1.88 18.09
N HIS A 257 4.23 -1.24 17.05
CA HIS A 257 3.94 0.15 16.79
C HIS A 257 2.93 0.27 15.70
N ILE A 258 1.71 0.66 16.09
CA ILE A 258 0.61 0.78 15.13
C ILE A 258 0.39 2.22 14.71
N TYR A 259 0.38 2.44 13.42
CA TYR A 259 0.15 3.76 12.94
C TYR A 259 -0.73 3.78 11.72
N ASN A 260 -1.71 4.66 11.75
CA ASN A 260 -2.53 4.90 10.57
C ASN A 260 -1.75 5.88 9.69
N LEU A 261 -1.63 5.57 8.41
CA LEU A 261 -1.00 6.45 7.44
C LEU A 261 -2.10 7.00 6.51
N GLY A 262 -2.40 8.30 6.61
CA GLY A 262 -3.43 8.86 5.75
C GLY A 262 -3.45 10.37 5.83
N ALA A 263 -4.31 10.97 5.03
CA ALA A 263 -4.44 12.42 5.03
C ALA A 263 -5.23 12.94 6.23
N GLY A 264 -6.05 12.07 6.82
CA GLY A 264 -6.82 12.50 7.96
C GLY A 264 -8.14 13.13 7.57
N VAL A 265 -8.47 13.11 6.28
CA VAL A 265 -9.76 13.64 5.86
C VAL A 265 -10.28 12.75 4.77
N GLY A 266 -11.56 12.84 4.49
CA GLY A 266 -12.14 12.01 3.45
C GLY A 266 -12.54 12.83 2.25
N ASN A 267 -12.72 12.15 1.10
CA ASN A 267 -13.14 12.75 -0.15
C ASN A 267 -14.14 11.81 -0.83
N SER A 268 -15.20 12.37 -1.42
CA SER A 268 -16.22 11.57 -2.09
C SER A 268 -15.78 11.09 -3.48
N VAL A 269 -16.61 10.24 -4.07
CA VAL A 269 -16.27 9.76 -5.37
C VAL A 269 -16.27 10.91 -6.36
N LEU A 270 -17.31 11.74 -6.28
CA LEU A 270 -17.43 12.89 -7.19
C LEU A 270 -16.24 13.83 -7.03
N ASP A 271 -15.81 14.00 -5.77
CA ASP A 271 -14.64 14.83 -5.50
C ASP A 271 -13.43 14.32 -6.27
N VAL A 272 -13.25 12.99 -6.27
CA VAL A 272 -12.14 12.38 -6.97
C VAL A 272 -12.29 12.53 -8.48
N VAL A 273 -13.48 12.25 -8.97
CA VAL A 273 -13.71 12.42 -10.38
C VAL A 273 -13.42 13.87 -10.80
N ASN A 274 -14.00 14.86 -10.07
CA ASN A 274 -13.77 16.27 -10.44
C ASN A 274 -12.28 16.64 -10.44
N ALA A 275 -11.57 16.10 -9.48
CA ALA A 275 -10.13 16.35 -9.38
C ALA A 275 -9.43 15.86 -10.62
N PHE A 276 -9.86 14.70 -11.07
CA PHE A 276 -9.28 14.10 -12.26
C PHE A 276 -9.67 14.80 -13.55
N SER A 277 -10.96 15.15 -13.68
CA SER A 277 -11.39 15.88 -14.88
C SER A 277 -10.48 17.10 -15.09
N LYS A 278 -10.22 17.77 -13.97
CA LYS A 278 -9.38 18.95 -13.87
C LYS A 278 -7.94 18.63 -14.30
N ALA A 279 -7.35 17.55 -13.78
CA ALA A 279 -5.98 17.18 -14.13
C ALA A 279 -5.79 16.77 -15.60
N CYS A 280 -6.74 16.08 -16.18
CA CYS A 280 -6.57 15.61 -17.54
C CYS A 280 -7.16 16.55 -18.58
N GLY A 281 -7.74 17.65 -18.16
CA GLY A 281 -8.30 18.60 -19.10
C GLY A 281 -9.56 18.18 -19.85
N LYS A 282 -10.38 17.35 -19.26
CA LYS A 282 -11.59 16.97 -19.95
C LYS A 282 -12.50 16.20 -19.02
N PRO A 283 -13.80 16.44 -19.17
CA PRO A 283 -14.81 15.83 -18.34
C PRO A 283 -14.72 14.32 -18.30
N VAL A 284 -14.62 13.76 -17.11
CA VAL A 284 -14.58 12.33 -16.96
C VAL A 284 -15.99 11.77 -17.03
N ASN A 285 -16.18 10.85 -17.97
CA ASN A 285 -17.49 10.21 -18.11
C ASN A 285 -17.82 9.24 -16.97
N TYR A 286 -19.00 9.38 -16.42
CA TYR A 286 -19.45 8.49 -15.36
C TYR A 286 -20.96 8.41 -15.38
N HIS A 287 -21.48 7.47 -14.62
CA HIS A 287 -22.89 7.25 -14.44
C HIS A 287 -23.03 6.62 -13.08
N PHE A 288 -24.26 6.58 -12.58
CA PHE A 288 -24.55 6.00 -11.29
C PHE A 288 -25.06 4.58 -11.37
N ALA A 289 -24.69 3.82 -10.37
CA ALA A 289 -25.12 2.45 -10.21
C ALA A 289 -25.63 2.35 -8.78
N PRO A 290 -26.15 1.21 -8.36
CA PRO A 290 -26.63 1.17 -6.99
C PRO A 290 -25.55 0.51 -6.12
N ARG A 291 -25.53 0.82 -4.83
CA ARG A 291 -24.57 0.32 -3.86
C ARG A 291 -23.88 -1.04 -4.06
N ARG A 292 -22.56 -0.99 -4.32
CA ARG A 292 -21.68 -2.15 -4.49
C ARG A 292 -21.67 -2.99 -3.23
N GLU A 293 -21.44 -4.29 -3.41
CA GLU A 293 -21.43 -5.29 -2.34
C GLU A 293 -20.37 -5.20 -1.25
N GLY A 294 -20.81 -4.81 -0.05
CA GLY A 294 -19.93 -4.70 1.10
C GLY A 294 -19.38 -3.30 1.42
N ASP A 295 -19.67 -2.30 0.59
CA ASP A 295 -19.20 -0.93 0.81
C ASP A 295 -19.99 -0.14 1.88
N LEU A 296 -19.32 0.79 2.64
CA LEU A 296 -19.94 1.68 3.69
C LEU A 296 -20.03 3.15 3.21
N PRO A 297 -20.89 3.96 3.81
CA PRO A 297 -21.03 5.35 3.35
C PRO A 297 -19.79 6.23 3.48
N ALA A 298 -19.09 6.16 4.59
CA ALA A 298 -17.96 7.04 4.68
C ALA A 298 -16.99 6.65 5.79
N TYR A 299 -15.70 6.73 5.48
CA TYR A 299 -14.68 6.45 6.45
C TYR A 299 -13.33 6.97 6.03
N TRP A 300 -12.54 7.27 7.05
CA TRP A 300 -11.19 7.76 6.91
C TRP A 300 -10.39 7.55 8.21
N ALA A 301 -9.09 7.77 8.07
CA ALA A 301 -8.15 7.61 9.14
C ALA A 301 -7.89 8.87 9.95
N ASP A 302 -7.64 8.64 11.25
CA ASP A 302 -7.22 9.71 12.12
C ASP A 302 -5.71 9.49 12.13
N ALA A 303 -4.91 10.44 11.59
CA ALA A 303 -3.47 10.22 11.57
C ALA A 303 -2.66 11.08 12.56
N SER A 304 -3.26 11.46 13.69
CA SER A 304 -2.61 12.28 14.69
C SER A 304 -1.41 11.62 15.33
N LYS A 305 -1.54 10.34 15.57
CA LYS A 305 -0.49 9.59 16.25
C LYS A 305 0.85 9.62 15.52
N ALA A 306 0.80 9.39 14.21
CA ALA A 306 2.00 9.41 13.38
C ALA A 306 2.64 10.82 13.38
N ASP A 307 1.76 11.83 13.30
CA ASP A 307 2.17 13.23 13.31
C ASP A 307 2.98 13.50 14.59
N ARG A 308 2.35 13.13 15.69
CA ARG A 308 2.90 13.30 17.02
C ARG A 308 4.14 12.46 17.30
N GLU A 309 4.02 11.16 17.12
CA GLU A 309 5.13 10.26 17.41
C GLU A 309 6.23 10.14 16.38
N LEU A 310 5.90 10.26 15.10
CA LEU A 310 6.88 10.13 14.06
C LEU A 310 7.15 11.46 13.38
N ASN A 311 6.38 12.46 13.71
CA ASN A 311 6.58 13.73 13.04
C ASN A 311 6.28 13.61 11.56
N TRP A 312 5.36 12.72 11.25
CA TRP A 312 5.00 12.51 9.87
C TRP A 312 3.58 12.93 9.59
N ARG A 313 3.38 13.51 8.41
CA ARG A 313 2.07 13.93 7.93
C ARG A 313 2.12 14.09 6.43
N VAL A 314 0.97 14.03 5.77
CA VAL A 314 0.98 14.16 4.33
C VAL A 314 1.34 15.55 3.92
N THR A 315 1.88 15.67 2.73
CA THR A 315 2.23 16.97 2.18
C THR A 315 1.64 17.16 0.78
N ARG A 316 1.18 16.07 0.13
CA ARG A 316 0.62 16.16 -1.20
C ARG A 316 -0.88 16.32 -1.16
N THR A 317 -1.45 17.00 -2.15
CA THR A 317 -2.90 17.20 -2.20
C THR A 317 -3.62 16.20 -3.11
N LEU A 318 -4.95 16.20 -3.01
CA LEU A 318 -5.77 15.34 -3.87
C LEU A 318 -5.50 15.70 -5.33
N ASP A 319 -5.42 17.00 -5.59
CA ASP A 319 -5.14 17.47 -6.93
C ASP A 319 -3.79 16.94 -7.42
N GLU A 320 -2.76 16.95 -6.58
CA GLU A 320 -1.52 16.39 -7.04
C GLU A 320 -1.64 14.89 -7.31
N MET A 321 -2.41 14.21 -6.49
CA MET A 321 -2.56 12.79 -6.73
C MET A 321 -3.06 12.57 -8.13
N ALA A 322 -4.04 13.39 -8.52
CA ALA A 322 -4.64 13.31 -9.83
C ALA A 322 -3.67 13.65 -10.95
N GLN A 323 -2.97 14.77 -10.76
CA GLN A 323 -2.04 15.26 -11.77
C GLN A 323 -0.93 14.26 -12.02
N ASP A 324 -0.43 13.75 -10.92
CA ASP A 324 0.66 12.80 -10.96
C ASP A 324 0.28 11.55 -11.68
N THR A 325 -0.95 11.15 -11.44
CA THR A 325 -1.47 9.97 -12.07
C THR A 325 -1.58 10.23 -13.57
N TRP A 326 -2.18 11.37 -13.90
CA TRP A 326 -2.36 11.72 -15.30
C TRP A 326 -1.04 11.81 -16.02
N HIS A 327 -0.07 12.28 -15.29
CA HIS A 327 1.23 12.46 -15.83
C HIS A 327 1.90 11.15 -16.22
N TRP A 328 1.81 10.20 -15.33
CA TRP A 328 2.43 8.90 -15.55
C TRP A 328 1.70 8.19 -16.65
N GLN A 329 0.37 8.26 -16.57
CA GLN A 329 -0.51 7.62 -17.53
C GLN A 329 -0.24 8.16 -18.92
N SER A 330 0.07 9.45 -18.96
CA SER A 330 0.36 10.19 -20.17
C SER A 330 1.75 9.93 -20.75
N ARG A 331 2.77 9.87 -19.90
CA ARG A 331 4.08 9.62 -20.41
C ARG A 331 4.31 8.16 -20.74
N HIS A 332 3.52 7.27 -20.15
CA HIS A 332 3.72 5.86 -20.37
C HIS A 332 2.42 5.08 -20.44
N PRO A 333 1.70 5.34 -21.51
CA PRO A 333 0.41 4.75 -21.79
C PRO A 333 0.38 3.23 -21.74
N GLN A 334 1.48 2.56 -22.02
CA GLN A 334 1.47 1.11 -21.98
C GLN A 334 2.15 0.61 -20.73
N GLY A 335 2.23 1.48 -19.75
CA GLY A 335 2.83 1.12 -18.48
C GLY A 335 4.22 0.63 -18.68
N TYR A 336 4.67 -0.26 -17.80
CA TYR A 336 6.02 -0.80 -17.89
C TYR A 336 6.19 -1.76 -19.05
N PRO A 337 7.32 -1.63 -19.71
CA PRO A 337 7.60 -2.44 -20.85
C PRO A 337 7.93 -3.85 -20.45
N ASP A 338 7.42 -4.79 -21.25
CA ASP A 338 7.65 -6.18 -21.04
C ASP A 338 9.06 -6.53 -21.50
#